data_8OU2
#
_entry.id   8OU2
#
_cell.length_a   58.277
_cell.length_b   27.043
_cell.length_c   77.637
_cell.angle_alpha   90.00
_cell.angle_beta   93.48
_cell.angle_gamma   90.00
#
_symmetry.space_group_name_H-M   'P 1 21 1'
#
loop_
_entity.id
_entity.type
_entity.pdbx_description
1 polymer 'Nucleosome-remodeling factor subunit BPTF'
2 non-polymer 7-(1-cyclopropylpyrazol-4-yl)-2-[[2-fluoranyl-4-(4-methylpiperazin-1-yl)sulfonyl-phenyl]amino]-3-methyl-pyrido[1,2-a]pyrimidin-4-one
3 non-polymer GLYCEROL
4 non-polymer 1,2-ETHANEDIOL
5 non-polymer 'DIMETHYL SULFOXIDE'
6 water water
#
_entity_poly.entity_id   1
_entity_poly.type   'polypeptide(L)'
_entity_poly.pdbx_seq_one_letter_code
;SMSTEDAMTVLTPLTEKDYEGLKRVLRSLQAHKMAWPFLEPVDPNDAPDYYGVIKEPMDLATMEERVQRRYYEKLTEFVA
DMTKIFDNCRYYNPSDSPFYQCAEVLESFFVQKLKGFKASRSH
;
_entity_poly.pdbx_strand_id   A,B
#
# COMPACT_ATOMS: atom_id res chain seq x y z
N SER A 1 -3.08 -27.70 25.11
CA SER A 1 -4.41 -28.13 24.62
C SER A 1 -5.36 -26.93 24.51
N MET A 2 -6.41 -27.06 23.69
CA MET A 2 -7.43 -26.00 23.48
C MET A 2 -8.14 -25.73 24.81
N SER A 3 -8.43 -26.78 25.58
CA SER A 3 -9.01 -26.69 26.94
C SER A 3 -8.22 -25.70 27.80
N THR A 4 -6.91 -25.90 27.91
CA THR A 4 -6.03 -25.07 28.79
C THR A 4 -6.02 -23.64 28.25
N GLU A 5 -5.84 -23.46 26.93
CA GLU A 5 -5.79 -22.12 26.27
C GLU A 5 -7.09 -21.34 26.59
N ASP A 6 -8.24 -21.97 26.44
CA ASP A 6 -9.55 -21.30 26.63
C ASP A 6 -9.66 -20.86 28.09
N ALA A 7 -9.39 -21.76 29.03
CA ALA A 7 -9.47 -21.47 30.48
C ALA A 7 -8.52 -20.31 30.82
N MET A 8 -7.27 -20.39 30.34
CA MET A 8 -6.27 -19.34 30.68
C MET A 8 -6.70 -18.02 30.04
N THR A 9 -7.30 -18.05 28.85
CA THR A 9 -7.67 -16.82 28.12
C THR A 9 -8.69 -16.05 28.96
N VAL A 10 -9.71 -16.74 29.49
CA VAL A 10 -10.77 -16.12 30.32
C VAL A 10 -10.24 -15.75 31.72
N LEU A 11 -9.47 -16.63 32.37
CA LEU A 11 -9.30 -16.55 33.85
C LEU A 11 -7.92 -16.12 34.30
N THR A 12 -6.86 -16.40 33.54
CA THR A 12 -5.48 -16.23 34.07
C THR A 12 -5.06 -14.79 33.94
N PRO A 13 -4.79 -14.07 35.04
CA PRO A 13 -4.30 -12.70 34.95
C PRO A 13 -3.04 -12.61 34.08
N LEU A 14 -2.95 -11.57 33.28
CA LEU A 14 -1.77 -11.34 32.42
C LEU A 14 -0.58 -11.00 33.30
N THR A 15 0.52 -11.74 33.09
CA THR A 15 1.81 -11.52 33.76
C THR A 15 2.65 -10.55 32.95
N GLU A 16 3.80 -10.12 33.49
CA GLU A 16 4.80 -9.35 32.71
C GLU A 16 5.29 -10.18 31.53
N LYS A 17 5.50 -11.49 31.70
CA LYS A 17 5.93 -12.39 30.60
C LYS A 17 4.83 -12.44 29.53
N ASP A 18 3.57 -12.42 29.94
CA ASP A 18 2.44 -12.37 28.97
C ASP A 18 2.52 -11.08 28.15
N TYR A 19 2.85 -9.97 28.81
CA TYR A 19 2.94 -8.65 28.18
C TYR A 19 4.04 -8.63 27.13
N GLU A 20 5.16 -9.30 27.36
CA GLU A 20 6.23 -9.38 26.34
C GLU A 20 5.66 -10.10 25.11
N GLY A 21 4.83 -11.11 25.31
CA GLY A 21 4.09 -11.81 24.22
C GLY A 21 3.12 -10.87 23.50
N LEU A 22 2.39 -10.06 24.26
CA LEU A 22 1.38 -9.14 23.67
C LEU A 22 2.10 -8.08 22.86
N LYS A 23 3.26 -7.59 23.32
CA LYS A 23 4.04 -6.59 22.53
C LYS A 23 4.48 -7.24 21.22
N ARG A 24 4.91 -8.49 21.27
CA ARG A 24 5.37 -9.22 20.05
C ARG A 24 4.21 -9.34 19.05
N VAL A 25 3.02 -9.73 19.55
CA VAL A 25 1.79 -9.84 18.70
C VAL A 25 1.49 -8.47 18.07
N LEU A 26 1.46 -7.40 18.88
CA LEU A 26 1.08 -6.06 18.37
C LEU A 26 2.10 -5.59 17.31
N ARG A 27 3.39 -5.75 17.58
N ARG A 27 3.39 -5.75 17.58
CA ARG A 27 4.47 -5.32 16.65
CA ARG A 27 4.47 -5.33 16.65
C ARG A 27 4.35 -6.10 15.33
C ARG A 27 4.35 -6.11 15.32
N SER A 28 4.01 -7.39 15.37
CA SER A 28 3.83 -8.23 14.15
C SER A 28 2.66 -7.65 13.34
N LEU A 29 1.57 -7.26 13.97
CA LEU A 29 0.44 -6.60 13.26
C LEU A 29 0.88 -5.24 12.69
N GLN A 30 1.60 -4.42 13.46
CA GLN A 30 1.97 -3.08 12.96
C GLN A 30 2.89 -3.19 11.74
N ALA A 31 3.61 -4.29 11.59
CA ALA A 31 4.59 -4.53 10.50
C ALA A 31 3.91 -5.13 9.28
N HIS A 32 2.68 -5.63 9.42
CA HIS A 32 1.96 -6.31 8.31
C HIS A 32 1.59 -5.30 7.22
N LYS A 33 1.77 -5.69 5.95
CA LYS A 33 1.59 -4.72 4.86
C LYS A 33 0.11 -4.28 4.80
N MET A 34 -0.82 -5.07 5.33
CA MET A 34 -2.28 -4.75 5.27
C MET A 34 -2.71 -4.04 6.56
N ALA A 35 -1.77 -3.62 7.42
CA ALA A 35 -2.08 -2.83 8.64
C ALA A 35 -2.23 -1.35 8.34
N TRP A 36 -1.91 -0.91 7.11
CA TRP A 36 -1.79 0.53 6.78
C TRP A 36 -3.03 1.35 7.18
N PRO A 37 -4.28 0.84 7.14
CA PRO A 37 -5.42 1.64 7.58
C PRO A 37 -5.65 1.71 9.10
N PHE A 38 -4.90 0.93 9.88
CA PHE A 38 -5.20 0.68 11.31
C PHE A 38 -4.10 1.18 12.25
N LEU A 39 -3.06 1.82 11.75
CA LEU A 39 -1.87 2.22 12.55
C LEU A 39 -2.19 3.43 13.44
N GLU A 40 -3.13 4.25 13.01
CA GLU A 40 -3.54 5.46 13.76
C GLU A 40 -5.06 5.53 13.70
N PRO A 41 -5.70 6.38 14.51
CA PRO A 41 -7.15 6.54 14.45
C PRO A 41 -7.64 6.96 13.07
N VAL A 42 -8.86 6.57 12.75
CA VAL A 42 -9.53 7.02 11.51
C VAL A 42 -9.56 8.55 11.49
N ASP A 43 -9.17 9.17 10.36
CA ASP A 43 -9.25 10.66 10.23
C ASP A 43 -10.71 11.03 9.97
N PRO A 44 -11.35 11.77 10.90
CA PRO A 44 -12.74 12.18 10.72
C PRO A 44 -12.95 12.93 9.40
N ASN A 45 -11.95 13.70 8.98
CA ASN A 45 -12.05 14.53 7.76
C ASN A 45 -11.81 13.67 6.52
N ASP A 46 -11.54 12.36 6.69
CA ASP A 46 -11.55 11.37 5.58
C ASP A 46 -12.86 10.58 5.54
N ALA A 47 -13.54 10.42 6.68
CA ALA A 47 -14.57 9.38 6.90
C ALA A 47 -15.80 10.06 7.49
N PRO A 48 -16.72 10.56 6.63
CA PRO A 48 -17.86 11.32 7.10
C PRO A 48 -18.64 10.60 8.19
N ASP A 49 -18.94 11.34 9.26
CA ASP A 49 -19.78 10.87 10.40
C ASP A 49 -19.15 9.65 11.10
N TYR A 50 -17.86 9.35 10.88
CA TYR A 50 -17.28 8.10 11.45
C TYR A 50 -17.54 8.03 12.96
N TYR A 51 -17.32 9.15 13.68
CA TYR A 51 -17.32 9.14 15.15
C TYR A 51 -18.75 9.27 15.69
N GLY A 52 -19.73 9.52 14.82
CA GLY A 52 -21.16 9.38 15.17
C GLY A 52 -21.70 7.97 14.98
N VAL A 53 -21.09 7.20 14.08
CA VAL A 53 -21.55 5.85 13.66
C VAL A 53 -20.83 4.78 14.48
N ILE A 54 -19.52 4.92 14.61
CA ILE A 54 -18.67 3.92 15.34
C ILE A 54 -18.58 4.35 16.81
N LYS A 55 -19.24 3.61 17.67
CA LYS A 55 -19.38 4.04 19.09
C LYS A 55 -18.14 3.74 19.91
N GLU A 56 -17.36 2.72 19.53
CA GLU A 56 -16.12 2.31 20.25
C GLU A 56 -14.97 2.21 19.25
N PRO A 57 -14.45 3.34 18.77
CA PRO A 57 -13.31 3.37 17.87
C PRO A 57 -12.10 2.70 18.52
N MET A 58 -11.25 2.12 17.69
CA MET A 58 -9.96 1.56 18.17
C MET A 58 -8.98 1.47 17.00
N ASP A 59 -7.69 1.54 17.31
CA ASP A 59 -6.61 1.49 16.30
C ASP A 59 -5.38 0.90 16.99
N LEU A 60 -4.37 0.51 16.23
CA LEU A 60 -3.18 -0.19 16.79
C LEU A 60 -2.34 0.77 17.67
N ALA A 61 -2.35 2.10 17.44
CA ALA A 61 -1.54 3.03 18.27
C ALA A 61 -2.20 3.16 19.65
N THR A 62 -3.53 3.20 19.71
CA THR A 62 -4.25 3.19 20.99
C THR A 62 -3.98 1.86 21.70
N MET A 63 -3.97 0.74 20.97
CA MET A 63 -3.68 -0.55 21.61
C MET A 63 -2.24 -0.56 22.12
N GLU A 64 -1.32 0.04 21.39
CA GLU A 64 0.10 0.14 21.84
C GLU A 64 0.15 0.94 23.15
N GLU A 65 -0.47 2.11 23.20
CA GLU A 65 -0.56 2.89 24.46
C GLU A 65 -1.11 2.01 25.59
N ARG A 66 -2.20 1.29 25.36
CA ARG A 66 -2.84 0.47 26.45
C ARG A 66 -1.90 -0.66 26.87
N VAL A 67 -1.20 -1.27 25.93
CA VAL A 67 -0.20 -2.33 26.26
C VAL A 67 0.93 -1.72 27.08
N GLN A 68 1.48 -0.59 26.67
CA GLN A 68 2.61 0.04 27.41
C GLN A 68 2.16 0.39 28.83
N ARG A 69 0.93 0.87 28.99
CA ARG A 69 0.34 1.26 30.30
C ARG A 69 -0.15 0.07 31.14
N ARG A 70 -0.05 -1.16 30.64
CA ARG A 70 -0.52 -2.39 31.35
C ARG A 70 -2.01 -2.23 31.65
N TYR A 71 -2.74 -1.73 30.66
CA TYR A 71 -4.22 -1.54 30.76
C TYR A 71 -4.95 -2.89 30.97
N TYR A 72 -4.52 -3.95 30.27
CA TYR A 72 -5.26 -5.24 30.22
C TYR A 72 -4.94 -6.10 31.46
N GLU A 73 -5.95 -6.72 32.06
CA GLU A 73 -5.78 -7.72 33.15
C GLU A 73 -5.98 -9.14 32.59
N LYS A 74 -6.80 -9.27 31.54
CA LYS A 74 -7.14 -10.60 30.96
C LYS A 74 -6.98 -10.54 29.44
N LEU A 75 -6.54 -11.64 28.86
CA LEU A 75 -6.33 -11.72 27.40
C LEU A 75 -7.66 -11.39 26.67
N THR A 76 -8.80 -11.85 27.19
CA THR A 76 -10.13 -11.57 26.60
C THR A 76 -10.26 -10.07 26.27
N GLU A 77 -9.77 -9.20 27.17
CA GLU A 77 -9.91 -7.72 27.07
C GLU A 77 -9.05 -7.22 25.91
N PHE A 78 -7.84 -7.73 25.80
CA PHE A 78 -6.91 -7.41 24.69
C PHE A 78 -7.56 -7.82 23.37
N VAL A 79 -8.09 -9.04 23.31
CA VAL A 79 -8.71 -9.57 22.07
C VAL A 79 -9.95 -8.76 21.74
N ALA A 80 -10.73 -8.36 22.75
CA ALA A 80 -11.96 -7.55 22.50
C ALA A 80 -11.59 -6.19 21.90
N ASP A 81 -10.56 -5.52 22.41
CA ASP A 81 -10.14 -4.22 21.82
C ASP A 81 -9.66 -4.43 20.39
N MET A 82 -8.85 -5.45 20.15
CA MET A 82 -8.31 -5.70 18.80
C MET A 82 -9.45 -5.95 17.81
N THR A 83 -10.47 -6.68 18.26
CA THR A 83 -11.59 -7.14 17.41
C THR A 83 -12.42 -5.91 17.03
N LYS A 84 -12.51 -4.88 17.88
CA LYS A 84 -13.18 -3.61 17.52
C LYS A 84 -12.59 -3.03 16.23
N ILE A 85 -11.27 -3.08 16.07
CA ILE A 85 -10.61 -2.48 14.88
C ILE A 85 -11.26 -3.07 13.61
N PHE A 86 -11.32 -4.40 13.56
CA PHE A 86 -11.79 -5.13 12.36
C PHE A 86 -13.31 -4.99 12.24
N ASP A 87 -14.05 -5.15 13.35
CA ASP A 87 -15.54 -5.08 13.31
C ASP A 87 -15.94 -3.66 12.92
N ASN A 88 -15.27 -2.66 13.46
CA ASN A 88 -15.64 -1.25 13.19
C ASN A 88 -15.42 -1.02 11.69
N CYS A 89 -14.32 -1.51 11.17
CA CYS A 89 -13.95 -1.27 9.75
C CYS A 89 -14.99 -1.93 8.84
N ARG A 90 -15.38 -3.16 9.13
CA ARG A 90 -16.32 -3.89 8.27
C ARG A 90 -17.71 -3.27 8.42
N TYR A 91 -18.04 -2.68 9.56
CA TYR A 91 -19.37 -2.07 9.77
C TYR A 91 -19.48 -0.78 8.95
N TYR A 92 -18.47 0.09 9.04
CA TYR A 92 -18.53 1.43 8.44
C TYR A 92 -18.40 1.37 6.92
N ASN A 93 -17.64 0.39 6.42
CA ASN A 93 -17.25 0.36 4.98
C ASN A 93 -18.01 -0.72 4.23
N PRO A 94 -18.23 -0.50 2.91
CA PRO A 94 -18.80 -1.54 2.08
C PRO A 94 -17.79 -2.70 1.92
N SER A 95 -18.29 -3.87 1.56
CA SER A 95 -17.50 -5.12 1.50
C SER A 95 -16.44 -5.03 0.39
N ASP A 96 -16.60 -4.13 -0.59
CA ASP A 96 -15.66 -4.00 -1.74
C ASP A 96 -14.61 -2.92 -1.46
N SER A 97 -14.60 -2.35 -0.27
CA SER A 97 -13.63 -1.28 0.10
C SER A 97 -12.25 -1.92 0.30
N PRO A 98 -11.15 -1.23 -0.08
CA PRO A 98 -9.80 -1.66 0.32
C PRO A 98 -9.66 -1.77 1.85
N PHE A 99 -10.32 -0.88 2.60
CA PHE A 99 -10.27 -0.92 4.07
C PHE A 99 -10.88 -2.25 4.55
N TYR A 100 -12.04 -2.62 4.03
CA TYR A 100 -12.74 -3.89 4.40
C TYR A 100 -11.80 -5.07 4.13
N GLN A 101 -11.17 -5.11 2.96
CA GLN A 101 -10.22 -6.19 2.60
C GLN A 101 -9.10 -6.24 3.64
N CYS A 102 -8.52 -5.09 3.99
CA CYS A 102 -7.43 -5.06 5.00
C CYS A 102 -7.92 -5.65 6.33
N ALA A 103 -9.15 -5.34 6.76
CA ALA A 103 -9.68 -5.88 8.03
C ALA A 103 -9.71 -7.40 7.95
N GLU A 104 -10.15 -7.97 6.83
CA GLU A 104 -10.28 -9.45 6.67
C GLU A 104 -8.90 -10.07 6.80
N VAL A 105 -7.94 -9.52 6.08
CA VAL A 105 -6.56 -10.09 6.02
C VAL A 105 -5.90 -9.93 7.38
N LEU A 106 -5.91 -8.72 7.94
CA LEU A 106 -5.19 -8.51 9.20
C LEU A 106 -5.89 -9.27 10.32
N GLU A 107 -7.20 -9.43 10.31
CA GLU A 107 -7.82 -10.23 11.40
C GLU A 107 -7.34 -11.70 11.28
N SER A 108 -7.25 -12.25 10.07
CA SER A 108 -6.86 -13.66 9.86
C SER A 108 -5.44 -13.83 10.41
N PHE A 109 -4.58 -12.83 10.19
CA PHE A 109 -3.18 -12.84 10.67
C PHE A 109 -3.18 -12.79 12.21
N PHE A 110 -3.93 -11.85 12.76
CA PHE A 110 -4.07 -11.70 14.23
C PHE A 110 -4.54 -13.04 14.83
N VAL A 111 -5.54 -13.67 14.22
CA VAL A 111 -6.08 -14.96 14.75
C VAL A 111 -4.96 -16.01 14.74
N GLN A 112 -4.13 -16.07 13.71
CA GLN A 112 -2.95 -16.99 13.68
C GLN A 112 -2.01 -16.67 14.84
N LYS A 113 -1.62 -15.40 14.97
CA LYS A 113 -0.66 -14.95 16.00
C LYS A 113 -1.25 -15.16 17.40
N LEU A 114 -2.55 -14.85 17.60
CA LEU A 114 -3.20 -15.04 18.91
C LEU A 114 -3.13 -16.51 19.32
N LYS A 115 -3.46 -17.43 18.40
CA LYS A 115 -3.45 -18.88 18.70
C LYS A 115 -2.03 -19.27 19.12
N GLY A 116 -1.02 -18.73 18.44
CA GLY A 116 0.38 -18.97 18.82
C GLY A 116 0.69 -18.45 20.20
N PHE A 117 0.21 -17.24 20.54
CA PHE A 117 0.44 -16.65 21.87
C PHE A 117 -0.17 -17.58 22.94
N LYS A 118 -1.41 -18.03 22.71
CA LYS A 118 -2.14 -18.86 23.68
C LYS A 118 -1.34 -20.15 23.91
N ALA A 119 -0.83 -20.76 22.86
CA ALA A 119 -0.11 -22.04 22.95
C ALA A 119 1.16 -21.83 23.78
N SER A 120 1.89 -20.75 23.52
CA SER A 120 3.15 -20.38 24.20
C SER A 120 2.90 -20.14 25.69
N ARG A 121 1.75 -19.59 26.01
CA ARG A 121 1.36 -19.30 27.39
C ARG A 121 1.02 -20.60 28.12
N SER A 122 0.50 -21.62 27.41
CA SER A 122 -0.08 -22.87 27.98
C SER A 122 1.03 -23.90 28.26
N HIS A 123 2.25 -23.65 27.80
CA HIS A 123 3.37 -24.64 27.79
C HIS A 123 4.21 -24.49 29.06
N SER B 3 0.77 6.22 3.68
CA SER B 3 -0.50 6.99 3.42
C SER B 3 -1.49 6.08 2.70
N THR B 4 -2.73 6.53 2.51
CA THR B 4 -3.76 5.81 1.71
C THR B 4 -3.26 5.73 0.26
N GLU B 5 -2.82 6.84 -0.33
CA GLU B 5 -2.39 6.84 -1.76
C GLU B 5 -1.15 5.94 -1.90
N ASP B 6 -0.18 6.03 -0.99
CA ASP B 6 1.05 5.19 -1.05
C ASP B 6 0.66 3.72 -1.03
N ALA B 7 -0.16 3.33 -0.05
CA ALA B 7 -0.63 1.94 0.16
C ALA B 7 -1.40 1.48 -1.07
N MET B 8 -2.33 2.28 -1.57
CA MET B 8 -3.16 1.90 -2.72
C MET B 8 -2.27 1.78 -3.96
N THR B 9 -1.23 2.61 -4.07
CA THR B 9 -0.33 2.59 -5.26
C THR B 9 0.33 1.21 -5.33
N VAL B 10 0.81 0.70 -4.20
CA VAL B 10 1.57 -0.59 -4.11
C VAL B 10 0.59 -1.78 -4.12
N LEU B 11 -0.54 -1.68 -3.43
CA LEU B 11 -1.34 -2.88 -3.05
C LEU B 11 -2.66 -3.02 -3.84
N THR B 12 -3.35 -1.94 -4.15
CA THR B 12 -4.75 -2.02 -4.66
C THR B 12 -4.76 -2.43 -6.14
N PRO B 13 -5.38 -3.57 -6.49
CA PRO B 13 -5.47 -3.98 -7.88
C PRO B 13 -6.09 -2.88 -8.74
N LEU B 14 -5.53 -2.67 -9.92
CA LEU B 14 -6.06 -1.64 -10.85
C LEU B 14 -7.41 -2.13 -11.37
N THR B 15 -8.41 -1.28 -11.25
CA THR B 15 -9.79 -1.52 -11.75
C THR B 15 -9.89 -1.05 -13.20
N GLU B 16 -11.03 -1.33 -13.87
CA GLU B 16 -11.29 -0.75 -15.22
C GLU B 16 -11.34 0.78 -15.11
N LYS B 17 -11.92 1.34 -14.04
CA LYS B 17 -11.97 2.82 -13.85
C LYS B 17 -10.52 3.34 -13.73
N ASP B 18 -9.65 2.62 -13.02
CA ASP B 18 -8.23 3.01 -12.89
C ASP B 18 -7.60 3.05 -14.31
N TYR B 19 -7.91 2.07 -15.13
CA TYR B 19 -7.32 1.95 -16.49
C TYR B 19 -7.75 3.13 -17.37
N GLU B 20 -9.00 3.60 -17.25
CA GLU B 20 -9.41 4.81 -17.99
C GLU B 20 -8.53 5.98 -17.56
N GLY B 21 -8.20 6.07 -16.27
CA GLY B 21 -7.27 7.08 -15.74
C GLY B 21 -5.87 6.91 -16.30
N LEU B 22 -5.38 5.68 -16.38
CA LEU B 22 -4.00 5.42 -16.89
C LEU B 22 -3.96 5.82 -18.36
N LYS B 23 -5.02 5.56 -19.13
CA LYS B 23 -5.04 5.92 -20.57
C LYS B 23 -4.96 7.45 -20.68
N ARG B 24 -5.67 8.17 -19.82
CA ARG B 24 -5.71 9.67 -19.82
C ARG B 24 -4.30 10.20 -19.51
N VAL B 25 -3.63 9.64 -18.50
CA VAL B 25 -2.23 9.99 -18.13
C VAL B 25 -1.31 9.74 -19.33
N LEU B 26 -1.36 8.54 -19.93
CA LEU B 26 -0.44 8.21 -21.06
C LEU B 26 -0.68 9.15 -22.25
N ARG B 27 -1.95 9.38 -22.60
N ARG B 27 -1.95 9.39 -22.61
CA ARG B 27 -2.30 10.28 -23.76
CA ARG B 27 -2.28 10.27 -23.76
C ARG B 27 -1.79 11.69 -23.49
C ARG B 27 -1.80 11.71 -23.49
N SER B 28 -1.86 12.17 -22.24
CA SER B 28 -1.38 13.53 -21.89
C SER B 28 0.13 13.59 -22.11
N LEU B 29 0.86 12.54 -21.74
CA LEU B 29 2.32 12.48 -21.99
C LEU B 29 2.60 12.41 -23.50
N GLN B 30 1.88 11.60 -24.25
CA GLN B 30 2.15 11.46 -25.69
C GLN B 30 1.91 12.80 -26.42
N ALA B 31 1.04 13.66 -25.90
CA ALA B 31 0.67 14.96 -26.50
C ALA B 31 1.68 16.06 -26.14
N HIS B 32 2.52 15.86 -25.12
CA HIS B 32 3.47 16.89 -24.64
C HIS B 32 4.51 17.23 -25.73
N LYS B 33 4.84 18.52 -25.84
CA LYS B 33 5.81 19.05 -26.82
C LYS B 33 7.13 18.26 -26.74
N MET B 34 7.54 17.83 -25.54
CA MET B 34 8.84 17.16 -25.34
C MET B 34 8.65 15.66 -25.16
N ALA B 35 7.57 15.07 -25.68
CA ALA B 35 7.41 13.60 -25.66
C ALA B 35 8.13 12.96 -26.85
N TRP B 36 8.47 13.72 -27.89
CA TRP B 36 8.88 13.13 -29.18
C TRP B 36 10.06 12.15 -29.06
N PRO B 37 11.05 12.32 -28.15
CA PRO B 37 12.13 11.33 -28.04
C PRO B 37 11.71 10.00 -27.40
N PHE B 38 10.52 9.95 -26.82
CA PHE B 38 10.06 8.84 -25.95
C PHE B 38 8.82 8.15 -26.55
N LEU B 39 8.32 8.56 -27.72
CA LEU B 39 7.05 8.00 -28.28
C LEU B 39 7.25 6.57 -28.78
N GLU B 40 8.47 6.28 -29.23
CA GLU B 40 8.82 4.95 -29.77
C GLU B 40 10.18 4.58 -29.21
N PRO B 41 10.61 3.30 -29.34
CA PRO B 41 11.91 2.90 -28.82
C PRO B 41 13.06 3.72 -29.41
N VAL B 42 14.12 3.85 -28.64
CA VAL B 42 15.35 4.51 -29.12
C VAL B 42 15.84 3.75 -30.38
N ASP B 43 16.22 4.49 -31.44
CA ASP B 43 16.76 3.90 -32.67
C ASP B 43 18.20 3.50 -32.39
N PRO B 44 18.55 2.20 -32.41
CA PRO B 44 19.93 1.77 -32.23
C PRO B 44 20.91 2.44 -33.20
N ASN B 45 20.46 2.72 -34.42
CA ASN B 45 21.31 3.37 -35.45
C ASN B 45 21.60 4.82 -35.06
N ASP B 46 20.84 5.40 -34.12
CA ASP B 46 21.07 6.76 -33.59
C ASP B 46 21.97 6.76 -32.33
N ALA B 47 21.99 5.68 -31.57
CA ALA B 47 22.46 5.65 -30.17
C ALA B 47 23.42 4.47 -30.01
N PRO B 48 24.72 4.68 -30.26
CA PRO B 48 25.70 3.60 -30.17
C PRO B 48 25.63 2.84 -28.85
N ASP B 49 25.59 1.51 -28.95
CA ASP B 49 25.66 0.57 -27.82
C ASP B 49 24.41 0.71 -26.94
N TYR B 50 23.35 1.40 -27.39
CA TYR B 50 22.23 1.72 -26.46
C TYR B 50 21.72 0.45 -25.78
N TYR B 51 21.54 -0.63 -26.57
CA TYR B 51 20.85 -1.84 -26.08
C TYR B 51 21.83 -2.78 -25.39
N GLY B 52 23.11 -2.45 -25.38
CA GLY B 52 24.12 -3.07 -24.49
C GLY B 52 24.19 -2.43 -23.13
N VAL B 53 23.88 -1.12 -23.04
CA VAL B 53 24.09 -0.27 -21.85
C VAL B 53 22.78 -0.22 -21.04
N ILE B 54 21.67 0.02 -21.74
CA ILE B 54 20.32 0.12 -21.10
C ILE B 54 19.70 -1.28 -21.07
N LYS B 55 19.63 -1.88 -19.90
CA LYS B 55 19.23 -3.30 -19.76
C LYS B 55 17.70 -3.45 -19.80
N GLU B 56 16.97 -2.40 -19.47
CA GLU B 56 15.48 -2.40 -19.43
C GLU B 56 14.96 -1.18 -20.18
N PRO B 57 15.07 -1.19 -21.52
CA PRO B 57 14.55 -0.10 -22.33
C PRO B 57 13.04 0.04 -22.14
N MET B 58 12.55 1.26 -22.33
CA MET B 58 11.10 1.49 -22.28
C MET B 58 10.77 2.75 -23.06
N ASP B 59 9.56 2.81 -23.59
CA ASP B 59 9.08 3.94 -24.40
C ASP B 59 7.55 4.02 -24.25
N LEU B 60 6.96 5.13 -24.65
CA LEU B 60 5.51 5.35 -24.42
C LEU B 60 4.66 4.40 -25.29
N ALA B 61 5.12 3.96 -26.47
CA ALA B 61 4.32 3.04 -27.34
C ALA B 61 4.28 1.67 -26.70
N THR B 62 5.37 1.21 -26.10
CA THR B 62 5.38 -0.06 -25.36
C THR B 62 4.42 0.06 -24.17
N MET B 63 4.43 1.20 -23.48
CA MET B 63 3.54 1.38 -22.32
C MET B 63 2.08 1.39 -22.83
N GLU B 64 1.83 1.99 -23.97
CA GLU B 64 0.46 2.00 -24.55
C GLU B 64 0.01 0.56 -24.86
N GLU B 65 0.84 -0.23 -25.53
CA GLU B 65 0.53 -1.67 -25.74
C GLU B 65 0.22 -2.34 -24.41
N ARG B 66 1.03 -2.13 -23.38
CA ARG B 66 0.84 -2.81 -22.06
C ARG B 66 -0.47 -2.34 -21.43
N VAL B 67 -0.81 -1.06 -21.55
CA VAL B 67 -2.09 -0.54 -21.02
C VAL B 67 -3.25 -1.22 -21.77
N GLN B 68 -3.18 -1.27 -23.10
CA GLN B 68 -4.29 -1.85 -23.91
C GLN B 68 -4.46 -3.35 -23.54
N ARG B 69 -3.36 -4.07 -23.28
CA ARG B 69 -3.35 -5.51 -22.89
C ARG B 69 -3.67 -5.75 -21.41
N ARG B 70 -3.87 -4.71 -20.61
CA ARG B 70 -4.12 -4.81 -19.15
C ARG B 70 -2.93 -5.53 -18.51
N TYR B 71 -1.73 -5.20 -18.93
CA TYR B 71 -0.46 -5.75 -18.39
C TYR B 71 -0.31 -5.41 -16.89
N TYR B 72 -0.61 -4.17 -16.50
CA TYR B 72 -0.32 -3.71 -15.13
C TYR B 72 -1.41 -4.21 -14.17
N GLU B 73 -1.01 -4.72 -13.01
CA GLU B 73 -1.93 -5.11 -11.92
C GLU B 73 -1.94 -4.04 -10.84
N LYS B 74 -0.83 -3.31 -10.66
CA LYS B 74 -0.68 -2.30 -9.60
C LYS B 74 -0.11 -1.01 -10.19
N LEU B 75 -0.52 0.14 -9.66
CA LEU B 75 0.00 1.44 -10.16
C LEU B 75 1.53 1.49 -10.06
N THR B 76 2.12 0.95 -9.02
N THR B 76 2.13 0.94 -9.02
CA THR B 76 3.60 0.91 -8.83
CA THR B 76 3.59 0.96 -8.82
C THR B 76 4.28 0.41 -10.10
C THR B 76 4.28 0.40 -10.08
N GLU B 77 3.70 -0.62 -10.76
CA GLU B 77 4.29 -1.27 -11.96
CA GLU B 77 4.41 -1.22 -11.93
C GLU B 77 4.25 -0.29 -13.14
N PHE B 78 3.13 0.39 -13.29
CA PHE B 78 2.95 1.44 -14.32
C PHE B 78 3.99 2.56 -14.08
N VAL B 79 4.09 3.04 -12.84
CA VAL B 79 5.05 4.13 -12.46
C VAL B 79 6.48 3.64 -12.71
N ALA B 80 6.79 2.38 -12.36
CA ALA B 80 8.13 1.80 -12.61
C ALA B 80 8.47 1.81 -14.10
N ASP B 81 7.56 1.41 -14.98
CA ASP B 81 7.85 1.41 -16.44
C ASP B 81 8.06 2.85 -16.88
N MET B 82 7.20 3.78 -16.46
CA MET B 82 7.34 5.18 -16.90
C MET B 82 8.69 5.75 -16.44
N THR B 83 9.08 5.43 -15.22
CA THR B 83 10.31 5.95 -14.57
C THR B 83 11.53 5.40 -15.29
N LYS B 84 11.45 4.19 -15.85
CA LYS B 84 12.54 3.63 -16.71
C LYS B 84 12.81 4.57 -17.88
N ILE B 85 11.77 5.07 -18.54
CA ILE B 85 11.94 5.95 -19.72
C ILE B 85 12.89 7.09 -19.35
N PHE B 86 12.58 7.77 -18.27
CA PHE B 86 13.35 8.99 -17.86
C PHE B 86 14.71 8.60 -17.28
N ASP B 87 14.76 7.56 -16.45
CA ASP B 87 16.05 7.14 -15.81
C ASP B 87 16.97 6.62 -16.91
N ASN B 88 16.43 5.88 -17.88
CA ASN B 88 17.29 5.31 -18.95
C ASN B 88 17.89 6.48 -19.72
N CYS B 89 17.07 7.49 -20.02
CA CYS B 89 17.51 8.65 -20.84
C CYS B 89 18.64 9.38 -20.09
N ARG B 90 18.45 9.64 -18.80
CA ARG B 90 19.43 10.40 -18.01
C ARG B 90 20.68 9.55 -17.79
N TYR B 91 20.57 8.23 -17.79
CA TYR B 91 21.74 7.34 -17.61
C TYR B 91 22.60 7.34 -18.88
N TYR B 92 21.98 7.13 -20.03
CA TYR B 92 22.72 6.97 -21.30
C TYR B 92 23.34 8.30 -21.77
N ASN B 93 22.67 9.43 -21.46
CA ASN B 93 23.05 10.73 -22.05
C ASN B 93 23.71 11.60 -21.01
N PRO B 94 24.65 12.47 -21.43
CA PRO B 94 25.22 13.45 -20.51
C PRO B 94 24.15 14.48 -20.10
N SER B 95 24.38 15.17 -18.97
CA SER B 95 23.40 16.10 -18.37
C SER B 95 23.15 17.29 -19.30
N ASP B 96 24.05 17.60 -20.24
CA ASP B 96 23.92 18.77 -21.16
C ASP B 96 23.27 18.35 -22.48
N SER B 97 22.82 17.10 -22.61
CA SER B 97 22.11 16.62 -23.81
C SER B 97 20.71 17.22 -23.88
N PRO B 98 20.20 17.56 -25.07
CA PRO B 98 18.79 17.94 -25.22
C PRO B 98 17.84 16.81 -24.81
N PHE B 99 18.25 15.57 -25.01
CA PHE B 99 17.41 14.42 -24.59
C PHE B 99 17.28 14.39 -23.07
N TYR B 100 18.38 14.61 -22.36
CA TYR B 100 18.38 14.69 -20.87
C TYR B 100 17.37 15.77 -20.45
N GLN B 101 17.44 16.95 -21.07
CA GLN B 101 16.49 18.05 -20.73
C GLN B 101 15.05 17.60 -20.97
N CYS B 102 14.76 16.94 -22.08
CA CYS B 102 13.38 16.45 -22.35
C CYS B 102 12.92 15.49 -21.23
N ALA B 103 13.78 14.60 -20.77
CA ALA B 103 13.41 13.65 -19.70
C ALA B 103 13.07 14.44 -18.42
N GLU B 104 13.82 15.47 -18.08
CA GLU B 104 13.57 16.28 -16.86
C GLU B 104 12.17 16.90 -16.96
N VAL B 105 11.88 17.50 -18.10
CA VAL B 105 10.61 18.24 -18.31
C VAL B 105 9.47 17.24 -18.30
N LEU B 106 9.57 16.17 -19.11
CA LEU B 106 8.42 15.25 -19.24
C LEU B 106 8.23 14.51 -17.93
N GLU B 107 9.29 14.20 -17.18
CA GLU B 107 9.04 13.52 -15.89
C GLU B 107 8.27 14.45 -14.94
N SER B 108 8.60 15.74 -14.89
CA SER B 108 7.95 16.72 -14.00
C SER B 108 6.45 16.74 -14.34
N PHE B 109 6.14 16.65 -15.63
CA PHE B 109 4.74 16.65 -16.13
C PHE B 109 4.03 15.37 -15.66
N PHE B 110 4.69 14.24 -15.88
CA PHE B 110 4.18 12.92 -15.42
C PHE B 110 3.89 12.97 -13.92
N VAL B 111 4.84 13.47 -13.15
CA VAL B 111 4.66 13.53 -11.67
C VAL B 111 3.44 14.38 -11.32
N GLN B 112 3.20 15.50 -12.00
CA GLN B 112 1.96 16.30 -11.79
C GLN B 112 0.71 15.47 -12.10
N LYS B 113 0.69 14.84 -13.26
CA LYS B 113 -0.47 14.02 -13.72
C LYS B 113 -0.65 12.82 -12.80
N LEU B 114 0.44 12.17 -12.35
CA LEU B 114 0.36 10.98 -11.47
C LEU B 114 -0.31 11.40 -10.16
N LYS B 115 0.09 12.52 -9.55
CA LYS B 115 -0.50 13.00 -8.28
C LYS B 115 -2.01 13.22 -8.48
N GLY B 116 -2.40 13.78 -9.61
CA GLY B 116 -3.83 13.94 -9.96
C GLY B 116 -4.53 12.59 -10.04
N PHE B 117 -3.90 11.62 -10.69
CA PHE B 117 -4.49 10.28 -10.84
C PHE B 117 -4.70 9.66 -9.44
N LYS B 118 -3.70 9.75 -8.57
CA LYS B 118 -3.75 9.13 -7.23
C LYS B 118 -4.90 9.75 -6.45
N ALA B 119 -5.07 11.06 -6.54
CA ALA B 119 -6.10 11.82 -5.82
C ALA B 119 -7.48 11.34 -6.29
N SER B 120 -7.65 11.16 -7.59
CA SER B 120 -8.92 10.74 -8.23
C SER B 120 -9.33 9.30 -7.87
N ARG B 121 -8.39 8.44 -7.46
CA ARG B 121 -8.74 7.06 -7.06
C ARG B 121 -9.57 7.11 -5.77
#